data_2W3G
#
_entry.id   2W3G
#
_cell.length_a   36.351
_cell.length_b   86.801
_cell.length_c   100.791
_cell.angle_alpha   90.00
_cell.angle_beta   90.00
_cell.angle_gamma   90.00
#
_symmetry.space_group_name_H-M   'P 21 21 21'
#
loop_
_entity.id
_entity.type
_entity.pdbx_description
1 polymer 'TWO COMPONENT SENSOR HISTIDINE KINASE DEVS (GAF FAMILY PROTEIN)'
2 non-polymer 'PROTOPORPHYRIN IX CONTAINING FE'
3 non-polymer 'CALCIUM ION'
4 water water
#
_entity_poly.entity_id   1
_entity_poly.type   'polypeptide(L)'
_entity_poly.pdbx_seq_one_letter_code
;GAMDPDLEATLRAIVHSATSLVDARYGAMEVHDRQHRVLHFVYEGIDEETVRRIGHLPKGLGVIGLLIEDPKPLRLDDVS
AHPASIGFPPYHPPMRTFLGVPVRVRDESFGTLYLTDKTNGQPFSDDDEVLVQALAAAAGIAVANARLYQQAK
;
_entity_poly.pdbx_strand_id   A,B
#
loop_
_chem_comp.id
_chem_comp.type
_chem_comp.name
_chem_comp.formula
CA non-polymer 'CALCIUM ION' 'Ca 2'
HEM non-polymer 'PROTOPORPHYRIN IX CONTAINING FE' 'C34 H32 Fe N4 O4'
#
# COMPACT_ATOMS: atom_id res chain seq x y z
N GLY A 1 -23.30 9.09 -0.70
CA GLY A 1 -22.58 9.52 0.53
C GLY A 1 -21.08 9.52 0.30
N ALA A 2 -20.35 10.26 1.12
CA ALA A 2 -18.89 10.30 1.02
C ALA A 2 -18.31 8.96 1.46
N MET A 3 -17.13 8.62 0.95
CA MET A 3 -16.42 7.47 1.48
C MET A 3 -16.09 7.69 2.96
N ASP A 4 -15.98 6.59 3.69
CA ASP A 4 -15.35 6.61 5.00
C ASP A 4 -14.03 7.38 4.94
N PRO A 5 -13.79 8.33 5.86
CA PRO A 5 -12.55 9.09 5.82
C PRO A 5 -11.26 8.31 5.88
N ASP A 6 -11.20 7.24 6.69
CA ASP A 6 -9.98 6.41 6.69
C ASP A 6 -9.77 5.71 5.35
N LEU A 7 -10.85 5.17 4.79
CA LEU A 7 -10.76 4.53 3.47
C LEU A 7 -10.31 5.55 2.45
N GLU A 8 -10.92 6.74 2.45
CA GLU A 8 -10.53 7.75 1.46
C GLU A 8 -9.06 8.14 1.56
N ALA A 9 -8.56 8.37 2.76
CA ALA A 9 -7.18 8.74 2.92
C ALA A 9 -6.27 7.60 2.44
N THR A 10 -6.67 6.36 2.73
CA THR A 10 -5.86 5.20 2.36
C THR A 10 -5.80 5.07 0.85
N LEU A 11 -6.98 5.13 0.22
CA LEU A 11 -7.00 4.99 -1.24
C LEU A 11 -6.27 6.13 -1.95
N ARG A 12 -6.44 7.37 -1.47
CA ARG A 12 -5.67 8.43 -2.09
C ARG A 12 -4.16 8.21 -1.92
N ALA A 13 -3.75 7.71 -0.75
CA ALA A 13 -2.32 7.45 -0.53
C ALA A 13 -1.79 6.37 -1.45
N ILE A 14 -2.63 5.34 -1.66
CA ILE A 14 -2.25 4.25 -2.56
C ILE A 14 -2.14 4.76 -4.00
N VAL A 15 -3.11 5.55 -4.45
CA VAL A 15 -3.03 6.08 -5.80
C VAL A 15 -1.79 6.95 -5.94
N HIS A 16 -1.50 7.76 -4.91
CA HIS A 16 -0.32 8.61 -5.02
C HIS A 16 0.97 7.82 -5.06
N SER A 17 1.11 6.81 -4.21
CA SER A 17 2.33 6.01 -4.22
CA SER A 17 2.35 6.03 -4.24
C SER A 17 2.48 5.29 -5.57
N ALA A 18 1.37 4.73 -6.08
CA ALA A 18 1.46 4.03 -7.37
C ALA A 18 1.91 5.01 -8.46
N THR A 19 1.27 6.18 -8.52
CA THR A 19 1.56 7.15 -9.58
C THR A 19 3.02 7.59 -9.48
N SER A 20 3.46 7.90 -8.26
CA SER A 20 4.83 8.39 -8.05
C SER A 20 5.85 7.31 -8.38
N LEU A 21 5.65 6.09 -7.90
CA LEU A 21 6.65 5.03 -8.08
C LEU A 21 6.79 4.43 -9.48
N VAL A 22 5.74 4.56 -10.30
CA VAL A 22 5.85 4.06 -11.67
C VAL A 22 6.11 5.21 -12.62
N ASP A 23 6.29 6.40 -12.04
CA ASP A 23 6.52 7.65 -12.82
C ASP A 23 5.43 7.91 -13.85
N ALA A 24 4.18 7.70 -13.44
CA ALA A 24 3.06 8.02 -14.31
C ALA A 24 2.68 9.47 -14.18
N ARG A 25 2.18 10.07 -15.26
CA ARG A 25 1.65 11.41 -15.18
CA ARG A 25 1.66 11.42 -15.20
C ARG A 25 0.29 11.46 -14.49
N TYR A 26 -0.49 10.39 -14.70
CA TYR A 26 -1.86 10.34 -14.19
C TYR A 26 -2.10 9.00 -13.49
N GLY A 27 -2.90 9.03 -12.42
CA GLY A 27 -3.25 7.78 -11.71
C GLY A 27 -4.68 7.89 -11.21
N ALA A 28 -5.37 6.75 -11.16
CA ALA A 28 -6.79 6.77 -10.75
C ALA A 28 -7.20 5.44 -10.16
N MET A 29 -8.21 5.51 -9.29
CA MET A 29 -8.85 4.30 -8.79
C MET A 29 -10.36 4.47 -8.81
N GLU A 30 -11.02 3.45 -9.35
CA GLU A 30 -12.51 3.33 -9.23
C GLU A 30 -12.81 2.37 -8.13
N VAL A 31 -13.72 2.77 -7.24
CA VAL A 31 -14.24 1.89 -6.19
C VAL A 31 -15.62 1.44 -6.67
N HIS A 32 -15.87 0.11 -6.66
CA HIS A 32 -17.13 -0.43 -7.22
C HIS A 32 -18.01 -1.06 -6.17
N ASP A 33 -19.27 -1.26 -6.54
CA ASP A 33 -20.15 -2.23 -5.84
C ASP A 33 -19.93 -3.68 -6.34
N ARG A 34 -20.65 -4.63 -5.74
CA ARG A 34 -20.48 -6.06 -6.09
C ARG A 34 -20.85 -6.40 -7.54
N GLN A 35 -21.65 -5.55 -8.19
CA GLN A 35 -22.01 -5.73 -9.61
C GLN A 35 -21.14 -4.87 -10.55
N HIS A 36 -19.98 -4.47 -10.07
CA HIS A 36 -18.98 -3.70 -10.83
C HIS A 36 -19.41 -2.27 -11.18
N ARG A 37 -20.38 -1.73 -10.45
CA ARG A 37 -20.82 -0.33 -10.67
C ARG A 37 -19.92 0.67 -9.96
N VAL A 38 -19.46 1.69 -10.70
CA VAL A 38 -18.57 2.66 -10.10
C VAL A 38 -19.34 3.46 -9.05
N LEU A 39 -18.79 3.51 -7.84
CA LEU A 39 -19.33 4.27 -6.70
CA LEU A 39 -19.35 4.31 -6.75
C LEU A 39 -18.52 5.52 -6.37
N HIS A 40 -17.19 5.40 -6.47
CA HIS A 40 -16.31 6.53 -6.16
C HIS A 40 -15.15 6.49 -7.14
N PHE A 41 -14.60 7.67 -7.37
CA PHE A 41 -13.49 7.81 -8.31
C PHE A 41 -12.48 8.75 -7.68
N VAL A 42 -11.26 8.24 -7.49
CA VAL A 42 -10.20 9.07 -6.92
C VAL A 42 -9.05 9.12 -7.92
N TYR A 43 -8.44 10.28 -8.05
CA TYR A 43 -7.47 10.48 -9.13
C TYR A 43 -6.43 11.52 -8.75
N GLU A 44 -5.33 11.49 -9.49
CA GLU A 44 -4.36 12.57 -9.37
C GLU A 44 -3.66 12.82 -10.69
N GLY A 45 -3.20 14.06 -10.84
CA GLY A 45 -2.49 14.46 -12.05
C GLY A 45 -3.27 15.41 -12.94
N ILE A 46 -4.52 15.73 -12.57
CA ILE A 46 -5.37 16.63 -13.37
C ILE A 46 -5.83 17.82 -12.53
N ASP A 47 -5.61 19.04 -13.04
CA ASP A 47 -5.92 20.22 -12.25
C ASP A 47 -7.42 20.49 -12.16
N GLU A 48 -7.80 21.32 -11.19
CA GLU A 48 -9.19 21.52 -10.83
C GLU A 48 -9.99 22.09 -12.00
N GLU A 49 -9.36 22.99 -12.75
CA GLU A 49 -10.07 23.63 -13.87
C GLU A 49 -10.34 22.62 -14.98
N THR A 50 -9.39 21.72 -15.22
CA THR A 50 -9.60 20.71 -16.24
C THR A 50 -10.71 19.73 -15.80
N VAL A 51 -10.71 19.33 -14.52
CA VAL A 51 -11.80 18.51 -13.98
C VAL A 51 -13.18 19.17 -14.21
N ARG A 52 -13.27 20.47 -13.94
CA ARG A 52 -14.51 21.19 -14.17
C ARG A 52 -14.91 21.17 -15.64
N ARG A 53 -13.94 21.37 -16.53
CA ARG A 53 -14.21 21.38 -17.96
C ARG A 53 -14.72 20.02 -18.41
N ILE A 54 -14.06 18.94 -17.97
CA ILE A 54 -14.52 17.60 -18.36
C ILE A 54 -15.97 17.37 -17.91
N GLY A 55 -16.26 17.77 -16.67
CA GLY A 55 -17.63 17.71 -16.16
C GLY A 55 -17.87 16.29 -15.65
N HIS A 56 -18.42 15.44 -16.48
CA HIS A 56 -18.93 14.17 -15.95
C HIS A 56 -17.82 13.20 -15.59
N LEU A 57 -18.04 12.54 -14.46
CA LEU A 57 -17.16 11.47 -14.00
C LEU A 57 -17.26 10.21 -14.85
N PRO A 58 -16.18 9.40 -14.83
CA PRO A 58 -16.19 8.19 -15.65
C PRO A 58 -17.20 7.13 -15.18
N LYS A 59 -17.74 6.39 -16.15
CA LYS A 59 -18.66 5.27 -15.88
C LYS A 59 -17.93 3.92 -15.75
N GLY A 60 -16.63 3.91 -16.01
CA GLY A 60 -15.84 2.69 -15.96
C GLY A 60 -15.89 1.89 -17.25
N LEU A 61 -16.07 2.61 -18.37
CA LEU A 61 -16.30 1.99 -19.68
C LEU A 61 -15.00 1.73 -20.41
N GLY A 62 -15.11 1.09 -21.58
CA GLY A 62 -13.97 0.87 -22.42
C GLY A 62 -12.96 -0.11 -21.88
N VAL A 63 -11.70 0.28 -22.05
CA VAL A 63 -10.58 -0.57 -21.64
C VAL A 63 -10.60 -0.84 -20.14
N ILE A 64 -11.11 0.12 -19.35
CA ILE A 64 -11.24 -0.10 -17.90
C ILE A 64 -12.13 -1.31 -17.61
N GLY A 65 -13.22 -1.42 -18.39
CA GLY A 65 -14.11 -2.59 -18.29
C GLY A 65 -13.43 -3.95 -18.43
N LEU A 66 -12.33 -3.99 -19.18
CA LEU A 66 -11.60 -5.24 -19.43
C LEU A 66 -10.94 -5.78 -18.15
N LEU A 67 -10.61 -4.87 -17.23
CA LEU A 67 -9.93 -5.25 -15.99
C LEU A 67 -10.85 -6.10 -15.11
N ILE A 68 -12.15 -5.92 -15.30
CA ILE A 68 -13.18 -6.70 -14.61
C ILE A 68 -13.38 -8.08 -15.25
N GLU A 69 -13.76 -8.12 -16.53
CA GLU A 69 -14.03 -9.38 -17.23
C GLU A 69 -12.78 -10.27 -17.38
N ASP A 70 -11.61 -9.64 -17.45
CA ASP A 70 -10.35 -10.36 -17.45
C ASP A 70 -9.50 -9.81 -16.30
N PRO A 71 -9.71 -10.34 -15.08
CA PRO A 71 -9.04 -9.80 -13.89
C PRO A 71 -7.58 -10.21 -13.80
N LYS A 72 -6.78 -9.56 -14.64
CA LYS A 72 -5.33 -9.66 -14.61
C LYS A 72 -4.82 -8.31 -15.11
N PRO A 73 -3.51 -8.04 -14.95
CA PRO A 73 -2.99 -6.76 -15.39
C PRO A 73 -3.09 -6.57 -16.89
N LEU A 74 -3.34 -5.32 -17.30
CA LEU A 74 -3.37 -4.96 -18.69
C LEU A 74 -2.43 -3.78 -18.92
N ARG A 75 -1.44 -3.99 -19.77
CA ARG A 75 -0.59 -2.92 -20.20
C ARG A 75 -0.84 -2.71 -21.71
N LEU A 76 -0.92 -1.43 -22.07
CA LEU A 76 -1.09 -1.01 -23.48
C LEU A 76 -0.19 0.16 -23.76
N ASP A 77 0.34 0.21 -24.98
CA ASP A 77 1.16 1.33 -25.36
C ASP A 77 0.38 2.50 -26.03
N ASP A 78 -0.85 2.25 -26.48
CA ASP A 78 -1.68 3.29 -27.09
C ASP A 78 -3.11 2.91 -26.72
N VAL A 79 -3.54 3.33 -25.53
CA VAL A 79 -4.78 2.84 -24.95
C VAL A 79 -6.02 3.05 -25.85
N SER A 80 -6.13 4.20 -26.49
CA SER A 80 -7.35 4.50 -27.23
C SER A 80 -7.35 3.84 -28.62
N ALA A 81 -6.24 3.19 -28.97
CA ALA A 81 -6.22 2.31 -30.18
C ALA A 81 -6.83 0.93 -29.99
N HIS A 82 -7.01 0.49 -28.73
CA HIS A 82 -7.58 -0.80 -28.45
C HIS A 82 -9.03 -0.81 -28.96
N PRO A 83 -9.48 -1.96 -29.52
CA PRO A 83 -10.86 -2.00 -30.02
C PRO A 83 -11.95 -1.84 -28.97
N ALA A 84 -11.65 -2.13 -27.70
CA ALA A 84 -12.62 -1.92 -26.62
C ALA A 84 -12.68 -0.46 -26.13
N SER A 85 -11.73 0.36 -26.60
CA SER A 85 -11.66 1.75 -26.19
C SER A 85 -12.92 2.52 -26.56
N ILE A 86 -13.44 3.27 -25.59
CA ILE A 86 -14.60 4.10 -25.85
C ILE A 86 -14.19 5.53 -26.26
N GLY A 87 -12.95 5.89 -25.97
CA GLY A 87 -12.43 7.20 -26.32
C GLY A 87 -12.48 8.15 -25.13
N PHE A 88 -11.72 9.24 -25.23
CA PHE A 88 -11.71 10.27 -24.18
C PHE A 88 -12.80 11.29 -24.42
N PRO A 89 -13.45 11.75 -23.37
CA PRO A 89 -14.50 12.75 -23.53
C PRO A 89 -13.89 14.14 -23.81
N PRO A 90 -14.73 15.09 -24.24
CA PRO A 90 -14.24 16.46 -24.45
C PRO A 90 -13.48 16.99 -23.23
N TYR A 91 -12.34 17.65 -23.49
CA TYR A 91 -11.52 18.33 -22.48
C TYR A 91 -10.62 17.39 -21.67
N HIS A 92 -10.80 16.08 -21.81
CA HIS A 92 -9.96 15.12 -21.06
C HIS A 92 -8.58 15.15 -21.72
N PRO A 93 -7.50 15.13 -20.91
CA PRO A 93 -6.16 15.05 -21.50
C PRO A 93 -6.00 13.80 -22.35
N PRO A 94 -5.31 13.90 -23.52
CA PRO A 94 -5.04 12.68 -24.24
C PRO A 94 -4.03 11.82 -23.45
N MET A 95 -4.18 10.51 -23.56
CA MET A 95 -3.29 9.57 -22.88
C MET A 95 -2.93 8.43 -23.81
N ARG A 96 -1.73 7.88 -23.64
CA ARG A 96 -1.23 6.84 -24.51
C ARG A 96 -0.92 5.55 -23.76
N THR A 97 0.15 5.56 -22.95
CA THR A 97 0.53 4.33 -22.26
C THR A 97 -0.38 4.12 -21.05
N PHE A 98 -0.61 2.86 -20.76
CA PHE A 98 -1.60 2.50 -19.75
C PHE A 98 -1.16 1.26 -19.03
N LEU A 99 -1.35 1.25 -17.70
CA LEU A 99 -1.17 0.08 -16.88
C LEU A 99 -2.36 0.05 -15.92
N GLY A 100 -3.16 -1.02 -16.02
CA GLY A 100 -4.35 -1.18 -15.18
C GLY A 100 -4.42 -2.54 -14.56
N VAL A 101 -5.00 -2.61 -13.37
CA VAL A 101 -5.16 -3.88 -12.68
C VAL A 101 -6.48 -3.86 -11.91
N PRO A 102 -7.10 -5.04 -11.71
CA PRO A 102 -8.25 -5.08 -10.82
C PRO A 102 -7.85 -4.95 -9.35
N VAL A 103 -8.77 -4.44 -8.56
CA VAL A 103 -8.58 -4.36 -7.10
C VAL A 103 -9.42 -5.48 -6.53
N ARG A 104 -8.77 -6.50 -5.96
CA ARG A 104 -9.49 -7.71 -5.52
C ARG A 104 -9.05 -8.19 -4.14
N VAL A 105 -9.93 -8.94 -3.48
CA VAL A 105 -9.54 -9.77 -2.33
C VAL A 105 -10.02 -11.17 -2.68
N ARG A 106 -9.07 -12.11 -2.78
CA ARG A 106 -9.36 -13.44 -3.33
C ARG A 106 -10.02 -13.29 -4.71
N ASP A 107 -11.25 -13.79 -4.89
CA ASP A 107 -11.93 -13.62 -6.18
C ASP A 107 -12.90 -12.44 -6.20
N GLU A 108 -13.10 -11.80 -5.05
CA GLU A 108 -14.04 -10.70 -4.89
C GLU A 108 -13.44 -9.41 -5.47
N SER A 109 -14.23 -8.68 -6.24
CA SER A 109 -13.77 -7.49 -6.96
C SER A 109 -14.27 -6.24 -6.26
N PHE A 110 -13.38 -5.25 -6.12
CA PHE A 110 -13.77 -4.04 -5.45
C PHE A 110 -13.53 -2.78 -6.27
N GLY A 111 -12.94 -2.93 -7.44
CA GLY A 111 -12.63 -1.74 -8.27
C GLY A 111 -11.45 -1.96 -9.19
N THR A 112 -10.85 -0.85 -9.64
CA THR A 112 -9.76 -0.89 -10.59
C THR A 112 -8.74 0.17 -10.23
N LEU A 113 -7.47 -0.08 -10.54
CA LEU A 113 -6.41 0.93 -10.27
C LEU A 113 -5.64 1.03 -11.57
N TYR A 114 -5.49 2.26 -12.08
CA TYR A 114 -4.81 2.43 -13.36
C TYR A 114 -4.04 3.71 -13.49
N LEU A 115 -3.01 3.63 -14.34
CA LEU A 115 -2.00 4.70 -14.43
C LEU A 115 -1.77 4.94 -15.90
N THR A 116 -1.49 6.17 -16.28
CA THR A 116 -1.21 6.41 -17.70
C THR A 116 -0.02 7.35 -17.87
N ASP A 117 0.58 7.27 -19.05
CA ASP A 117 1.60 8.24 -19.51
C ASP A 117 2.83 8.29 -18.62
N LYS A 118 3.51 7.13 -18.53
CA LYS A 118 4.84 7.05 -17.95
C LYS A 118 5.65 8.23 -18.51
N THR A 119 6.30 8.98 -17.62
CA THR A 119 6.89 10.29 -17.93
C THR A 119 8.02 10.24 -18.96
N ASN A 120 8.67 9.09 -19.09
CA ASN A 120 9.81 9.00 -20.01
C ASN A 120 9.41 8.65 -21.46
N GLY A 121 8.09 8.65 -21.72
CA GLY A 121 7.56 8.21 -23.01
C GLY A 121 7.62 6.71 -23.22
N GLN A 122 8.06 5.98 -22.20
CA GLN A 122 8.29 4.54 -22.33
C GLN A 122 7.06 3.72 -21.92
N PRO A 123 7.00 2.44 -22.33
CA PRO A 123 5.92 1.58 -21.85
C PRO A 123 6.10 1.30 -20.35
N PHE A 124 5.01 1.05 -19.65
CA PHE A 124 5.14 0.57 -18.27
C PHE A 124 5.88 -0.77 -18.24
N SER A 125 6.69 -0.94 -17.20
CA SER A 125 7.58 -2.10 -17.08
C SER A 125 6.93 -3.26 -16.30
N ASP A 126 7.58 -4.43 -16.33
CA ASP A 126 7.17 -5.56 -15.50
C ASP A 126 7.19 -5.20 -14.02
N ASP A 127 8.24 -4.48 -13.59
CA ASP A 127 8.36 -4.04 -12.20
C ASP A 127 7.23 -3.09 -11.83
N ASP A 128 6.86 -2.21 -12.76
CA ASP A 128 5.70 -1.32 -12.58
C ASP A 128 4.45 -2.15 -12.36
N GLU A 129 4.23 -3.17 -13.18
CA GLU A 129 3.08 -4.03 -13.04
C GLU A 129 3.03 -4.72 -11.68
N VAL A 130 4.18 -5.28 -11.24
CA VAL A 130 4.25 -5.96 -9.94
C VAL A 130 3.92 -5.01 -8.78
N LEU A 131 4.46 -3.80 -8.85
CA LEU A 131 4.22 -2.80 -7.81
C LEU A 131 2.74 -2.45 -7.77
N VAL A 132 2.17 -2.16 -8.94
CA VAL A 132 0.76 -1.78 -9.00
C VAL A 132 -0.14 -2.92 -8.55
N GLN A 133 0.20 -4.18 -8.88
CA GLN A 133 -0.59 -5.30 -8.33
C GLN A 133 -0.56 -5.33 -6.82
N ALA A 134 0.61 -5.11 -6.23
CA ALA A 134 0.72 -5.16 -4.77
C ALA A 134 -0.10 -4.02 -4.14
N LEU A 135 -0.03 -2.84 -4.75
CA LEU A 135 -0.81 -1.72 -4.21
C LEU A 135 -2.29 -1.88 -4.40
N ALA A 136 -2.70 -2.52 -5.50
CA ALA A 136 -4.11 -2.83 -5.69
C ALA A 136 -4.60 -3.86 -4.66
N ALA A 137 -3.72 -4.82 -4.33
CA ALA A 137 -4.07 -5.80 -3.32
C ALA A 137 -4.29 -5.13 -1.94
N ALA A 138 -3.44 -4.14 -1.63
CA ALA A 138 -3.64 -3.37 -0.41
C ALA A 138 -4.95 -2.58 -0.48
N ALA A 139 -5.24 -1.99 -1.65
CA ALA A 139 -6.50 -1.27 -1.81
C ALA A 139 -7.70 -2.19 -1.58
N GLY A 140 -7.57 -3.43 -2.05
CA GLY A 140 -8.66 -4.42 -1.87
C GLY A 140 -8.88 -4.69 -0.39
N ILE A 141 -7.78 -4.91 0.33
CA ILE A 141 -7.86 -5.08 1.79
C ILE A 141 -8.56 -3.87 2.44
N ALA A 142 -8.19 -2.67 2.02
CA ALA A 142 -8.78 -1.44 2.56
C ALA A 142 -10.28 -1.36 2.29
N VAL A 143 -10.69 -1.57 1.04
CA VAL A 143 -12.12 -1.47 0.71
C VAL A 143 -12.93 -2.56 1.43
N ALA A 144 -12.44 -3.80 1.41
CA ALA A 144 -13.14 -4.95 2.02
C ALA A 144 -13.37 -4.72 3.50
N ASN A 145 -12.36 -4.19 4.17
CA ASN A 145 -12.44 -4.03 5.63
C ASN A 145 -13.11 -2.74 6.07
N ALA A 146 -13.18 -1.75 5.19
CA ALA A 146 -13.93 -0.55 5.51
C ALA A 146 -15.40 -0.92 5.42
N ARG A 147 -15.75 -1.60 4.34
CA ARG A 147 -17.13 -2.08 4.13
C ARG A 147 -17.69 -2.84 5.32
N LEU A 148 -16.93 -3.83 5.78
CA LEU A 148 -17.28 -4.63 6.95
C LEU A 148 -17.45 -3.76 8.20
N TYR A 149 -16.51 -2.82 8.38
CA TYR A 149 -16.57 -1.83 9.45
C TYR A 149 -17.87 -1.01 9.39
N GLN A 150 -18.17 -0.44 8.21
CA GLN A 150 -19.36 0.39 8.01
C GLN A 150 -20.64 -0.43 8.15
CA PRO B 5 -6.02 -16.73 10.61
C PRO B 5 -6.27 -15.65 9.56
N ASP B 6 -7.49 -15.13 9.53
CA ASP B 6 -7.91 -14.04 8.66
C ASP B 6 -6.99 -12.80 8.77
N LEU B 7 -7.05 -12.11 9.91
CA LEU B 7 -6.24 -10.91 10.13
C LEU B 7 -4.75 -11.21 9.97
N GLU B 8 -4.28 -12.26 10.61
CA GLU B 8 -2.87 -12.57 10.56
C GLU B 8 -2.37 -12.73 9.10
N ALA B 9 -3.15 -13.40 8.25
CA ALA B 9 -2.76 -13.59 6.86
C ALA B 9 -2.65 -12.24 6.14
N THR B 10 -3.64 -11.39 6.42
CA THR B 10 -3.67 -10.03 5.88
C THR B 10 -2.41 -9.24 6.26
N LEU B 11 -2.06 -9.30 7.55
CA LEU B 11 -0.92 -8.50 8.04
C LEU B 11 0.36 -9.06 7.41
N ARG B 12 0.44 -10.38 7.26
CA ARG B 12 1.61 -10.99 6.64
C ARG B 12 1.78 -10.55 5.20
N ALA B 13 0.65 -10.42 4.49
CA ALA B 13 0.65 -10.01 3.10
C ALA B 13 1.18 -8.57 2.96
N ILE B 14 0.70 -7.71 3.87
CA ILE B 14 1.18 -6.31 3.91
C ILE B 14 2.68 -6.23 4.24
N VAL B 15 3.15 -7.02 5.21
CA VAL B 15 4.60 -7.06 5.50
C VAL B 15 5.36 -7.54 4.26
N HIS B 16 4.83 -8.56 3.57
CA HIS B 16 5.52 -9.04 2.37
C HIS B 16 5.59 -7.97 1.28
N SER B 17 4.50 -7.26 1.06
CA SER B 17 4.57 -6.19 0.07
C SER B 17 5.57 -5.11 0.44
N ALA B 18 5.55 -4.70 1.71
CA ALA B 18 6.48 -3.64 2.10
C ALA B 18 7.92 -4.08 1.91
N THR B 19 8.23 -5.28 2.39
CA THR B 19 9.61 -5.77 2.38
C THR B 19 10.07 -5.98 0.94
N SER B 20 9.23 -6.62 0.13
CA SER B 20 9.66 -6.93 -1.26
C SER B 20 9.75 -5.67 -2.13
N LEU B 21 8.78 -4.77 -2.00
CA LEU B 21 8.78 -3.57 -2.88
C LEU B 21 9.88 -2.57 -2.58
N VAL B 22 10.17 -2.37 -1.29
CA VAL B 22 11.30 -1.51 -0.89
C VAL B 22 12.64 -2.23 -1.08
N ASP B 23 12.62 -3.56 -1.15
CA ASP B 23 13.82 -4.40 -1.25
C ASP B 23 14.63 -4.36 0.06
N ALA B 24 13.93 -4.62 1.15
CA ALA B 24 14.56 -4.77 2.45
C ALA B 24 14.82 -6.24 2.77
N ARG B 25 15.84 -6.51 3.58
CA ARG B 25 16.14 -7.92 3.92
C ARG B 25 15.12 -8.45 4.94
N TYR B 26 14.69 -7.56 5.82
CA TYR B 26 13.81 -7.96 6.94
C TYR B 26 12.62 -7.03 7.01
N GLY B 27 11.47 -7.59 7.36
CA GLY B 27 10.27 -6.78 7.59
C GLY B 27 9.45 -7.36 8.71
N ALA B 28 8.75 -6.49 9.42
CA ALA B 28 7.94 -6.99 10.53
C ALA B 28 6.77 -6.08 10.82
N MET B 29 5.76 -6.62 11.47
CA MET B 29 4.70 -5.76 12.01
C MET B 29 4.36 -6.23 13.41
N GLU B 30 4.28 -5.31 14.35
CA GLU B 30 3.75 -5.64 15.69
C GLU B 30 2.41 -4.94 15.84
N VAL B 31 1.44 -5.65 16.39
CA VAL B 31 0.17 -5.05 16.73
C VAL B 31 0.00 -5.23 18.24
N HIS B 32 -0.35 -4.17 18.94
CA HIS B 32 -0.47 -4.19 20.41
C HIS B 32 -1.86 -3.77 20.87
N ASP B 33 -2.20 -4.17 22.09
CA ASP B 33 -3.45 -3.68 22.68
C ASP B 33 -3.22 -2.34 23.36
N ARG B 34 -4.25 -1.79 24.01
CA ARG B 34 -4.08 -0.45 24.59
C ARG B 34 -3.14 -0.35 25.81
N GLN B 35 -2.81 -1.49 26.41
CA GLN B 35 -1.79 -1.52 27.47
C GLN B 35 -0.45 -2.03 26.93
N HIS B 36 -0.34 -2.01 25.61
CA HIS B 36 0.91 -2.33 24.88
C HIS B 36 1.38 -3.78 24.94
N ARG B 37 0.46 -4.69 25.21
CA ARG B 37 0.75 -6.11 25.08
C ARG B 37 0.70 -6.48 23.60
N VAL B 38 1.62 -7.34 23.17
CA VAL B 38 1.71 -7.72 21.78
C VAL B 38 0.62 -8.76 21.47
N LEU B 39 -0.23 -8.45 20.48
CA LEU B 39 -1.31 -9.32 20.03
C LEU B 39 -0.92 -10.10 18.78
N HIS B 40 -0.12 -9.46 17.92
CA HIS B 40 0.33 -10.12 16.71
C HIS B 40 1.76 -9.64 16.45
N PHE B 41 2.59 -10.57 16.02
CA PHE B 41 3.94 -10.20 15.57
C PHE B 41 4.23 -11.08 14.38
N VAL B 42 4.27 -10.47 13.20
CA VAL B 42 4.50 -11.21 11.97
C VAL B 42 5.73 -10.61 11.30
N TYR B 43 6.49 -11.45 10.61
CA TYR B 43 7.78 -11.00 10.11
C TYR B 43 8.23 -11.87 8.96
N GLU B 44 9.21 -11.35 8.22
CA GLU B 44 9.83 -12.19 7.19
C GLU B 44 11.29 -11.80 7.00
N GLY B 45 12.06 -12.76 6.49
CA GLY B 45 13.46 -12.57 6.21
C GLY B 45 14.38 -13.33 7.15
N ILE B 46 13.82 -13.96 8.19
CA ILE B 46 14.61 -14.69 9.20
CA ILE B 46 14.59 -14.69 9.19
C ILE B 46 14.22 -16.17 9.21
N ASP B 47 15.23 -17.03 9.15
CA ASP B 47 15.02 -18.49 9.16
C ASP B 47 14.51 -18.99 10.51
N GLU B 48 13.76 -20.09 10.48
CA GLU B 48 13.17 -20.67 11.68
C GLU B 48 14.19 -21.02 12.78
N GLU B 49 15.35 -21.54 12.39
CA GLU B 49 16.40 -21.87 13.36
C GLU B 49 16.88 -20.65 14.13
N THR B 50 17.08 -19.53 13.41
CA THR B 50 17.51 -18.30 14.07
C THR B 50 16.42 -17.77 15.01
N VAL B 51 15.16 -17.84 14.55
CA VAL B 51 14.01 -17.49 15.39
C VAL B 51 14.04 -18.24 16.74
N ARG B 52 14.25 -19.56 16.64
CA ARG B 52 14.36 -20.43 17.81
C ARG B 52 15.51 -19.99 18.72
N ARG B 53 16.64 -19.62 18.10
CA ARG B 53 17.76 -19.13 18.92
C ARG B 53 17.47 -17.83 19.70
N ILE B 54 16.77 -16.89 19.05
CA ILE B 54 16.44 -15.63 19.71
C ILE B 54 15.56 -15.91 20.94
N GLY B 55 14.62 -16.85 20.75
CA GLY B 55 13.74 -17.28 21.84
C GLY B 55 12.58 -16.30 21.91
N HIS B 56 12.63 -15.40 22.88
CA HIS B 56 11.47 -14.60 23.23
C HIS B 56 11.07 -13.57 22.16
N LEU B 57 9.78 -13.32 22.09
CA LEU B 57 9.22 -12.33 21.19
C LEU B 57 9.56 -10.92 21.67
N PRO B 58 9.59 -9.93 20.74
CA PRO B 58 9.83 -8.55 21.14
C PRO B 58 8.67 -8.05 22.00
N LYS B 59 8.99 -7.12 22.89
CA LYS B 59 8.01 -6.51 23.77
C LYS B 59 7.61 -5.15 23.26
N GLY B 60 8.26 -4.67 22.20
CA GLY B 60 7.96 -3.35 21.67
C GLY B 60 8.74 -2.28 22.40
N LEU B 61 10.03 -2.54 22.58
CA LEU B 61 10.90 -1.62 23.31
C LEU B 61 11.83 -0.88 22.39
N GLY B 62 12.74 -0.11 22.98
CA GLY B 62 13.69 0.66 22.18
C GLY B 62 13.05 1.55 21.12
N VAL B 63 13.53 1.43 19.88
CA VAL B 63 13.07 2.30 18.81
C VAL B 63 11.60 1.97 18.45
N ILE B 64 11.19 0.72 18.63
CA ILE B 64 9.80 0.37 18.37
C ILE B 64 8.91 0.98 19.44
N GLY B 65 9.41 0.98 20.68
CA GLY B 65 8.70 1.61 21.79
C GLY B 65 8.49 3.08 21.53
N LEU B 66 9.51 3.74 20.95
CA LEU B 66 9.42 5.16 20.56
C LEU B 66 8.28 5.34 19.56
N LEU B 67 8.22 4.45 18.56
CA LEU B 67 7.17 4.56 17.53
C LEU B 67 5.76 4.34 18.12
N ILE B 68 5.68 3.55 19.17
CA ILE B 68 4.39 3.33 19.82
C ILE B 68 4.01 4.58 20.64
N GLU B 69 4.99 5.13 21.36
CA GLU B 69 4.76 6.35 22.16
C GLU B 69 4.44 7.59 21.32
N ASP B 70 5.18 7.77 20.22
CA ASP B 70 5.00 8.89 19.33
C ASP B 70 4.88 8.36 17.88
N PRO B 71 3.65 7.98 17.47
CA PRO B 71 3.44 7.36 16.15
C PRO B 71 3.59 8.31 14.96
N LYS B 72 4.76 8.28 14.34
CA LYS B 72 5.03 9.02 13.11
C LYS B 72 6.19 8.29 12.48
N PRO B 73 6.41 8.48 11.17
CA PRO B 73 7.47 7.71 10.51
C PRO B 73 8.84 8.00 11.09
N LEU B 74 9.67 6.96 11.17
CA LEU B 74 11.05 7.13 11.63
C LEU B 74 11.95 6.40 10.63
N ARG B 75 12.91 7.11 10.03
CA ARG B 75 13.90 6.52 9.14
C ARG B 75 15.26 6.80 9.73
N LEU B 76 16.08 5.76 9.82
CA LEU B 76 17.41 5.82 10.44
C LEU B 76 18.47 5.11 9.60
N ASP B 77 19.63 5.77 9.45
CA ASP B 77 20.81 5.20 8.81
C ASP B 77 21.37 4.03 9.63
N ASP B 78 21.25 4.13 10.96
CA ASP B 78 21.76 3.11 11.85
C ASP B 78 20.91 3.03 13.11
N VAL B 79 20.08 2.01 13.20
CA VAL B 79 19.10 1.96 14.27
C VAL B 79 19.75 1.97 15.68
N SER B 80 20.94 1.34 15.78
CA SER B 80 21.62 1.23 17.07
CA SER B 80 21.65 1.22 17.06
C SER B 80 22.17 2.56 17.55
N ALA B 81 22.33 3.52 16.63
CA ALA B 81 22.81 4.87 16.97
C ALA B 81 21.74 5.82 17.52
N HIS B 82 20.47 5.47 17.37
CA HIS B 82 19.39 6.30 17.93
C HIS B 82 19.40 6.30 19.48
N PRO B 83 19.21 7.50 20.11
CA PRO B 83 19.17 7.56 21.59
C PRO B 83 18.17 6.63 22.30
N ALA B 84 17.06 6.29 21.65
CA ALA B 84 16.07 5.36 22.22
C ALA B 84 16.42 3.88 22.03
N SER B 85 17.45 3.59 21.23
CA SER B 85 17.80 2.21 20.94
C SER B 85 18.10 1.41 22.20
N ILE B 86 17.46 0.26 22.30
CA ILE B 86 17.65 -0.66 23.42
C ILE B 86 18.69 -1.75 23.10
N GLY B 87 18.98 -1.95 21.81
CA GLY B 87 19.88 -3.03 21.40
C GLY B 87 19.13 -4.31 21.08
N PHE B 88 19.78 -5.22 20.33
CA PHE B 88 19.22 -6.50 19.97
C PHE B 88 19.47 -7.56 21.06
N PRO B 89 18.58 -8.55 21.19
CA PRO B 89 18.85 -9.64 22.12
C PRO B 89 19.90 -10.56 21.49
N PRO B 90 20.50 -11.43 22.31
CA PRO B 90 21.44 -12.38 21.73
C PRO B 90 20.85 -13.18 20.55
N TYR B 91 21.67 -13.55 19.57
CA TYR B 91 21.27 -14.39 18.41
C TYR B 91 20.42 -13.66 17.33
N HIS B 92 19.91 -12.47 17.65
CA HIS B 92 19.12 -11.67 16.67
C HIS B 92 20.07 -11.30 15.53
N PRO B 93 19.61 -11.38 14.26
CA PRO B 93 20.48 -10.90 13.19
C PRO B 93 20.86 -9.44 13.40
N PRO B 94 22.11 -9.08 13.07
CA PRO B 94 22.49 -7.67 13.00
C PRO B 94 21.60 -6.94 11.99
N MET B 95 21.22 -5.72 12.36
CA MET B 95 20.43 -4.87 11.45
C MET B 95 20.87 -3.45 11.63
N ARG B 96 20.89 -2.72 10.51
CA ARG B 96 21.43 -1.37 10.53
C ARG B 96 20.39 -0.33 10.07
N THR B 97 20.10 -0.26 8.76
CA THR B 97 19.14 0.75 8.30
C THR B 97 17.72 0.39 8.78
N PHE B 98 16.89 1.41 9.02
CA PHE B 98 15.57 1.18 9.60
C PHE B 98 14.54 2.13 9.07
N LEU B 99 13.34 1.61 8.81
CA LEU B 99 12.18 2.43 8.46
C LEU B 99 10.98 1.90 9.23
N GLY B 100 10.34 2.72 10.05
CA GLY B 100 9.11 2.23 10.70
C GLY B 100 8.01 3.26 10.65
N VAL B 101 6.77 2.81 10.51
CA VAL B 101 5.62 3.71 10.46
C VAL B 101 4.47 3.11 11.25
N PRO B 102 3.57 3.95 11.77
CA PRO B 102 2.45 3.39 12.50
C PRO B 102 1.39 2.77 11.61
N VAL B 103 0.75 1.73 12.16
CA VAL B 103 -0.39 1.08 11.59
C VAL B 103 -1.63 1.57 12.33
N ARG B 104 -2.44 2.40 11.65
CA ARG B 104 -3.44 3.18 12.38
C ARG B 104 -4.60 3.61 11.51
N VAL B 105 -5.61 4.17 12.18
CA VAL B 105 -6.68 4.92 11.55
C VAL B 105 -6.75 6.26 12.31
N ARG B 106 -7.63 7.18 11.87
CA ARG B 106 -7.67 8.50 12.53
C ARG B 106 -7.91 8.35 14.04
N ASP B 107 -8.81 7.45 14.42
CA ASP B 107 -9.21 7.35 15.86
C ASP B 107 -8.12 6.78 16.77
N GLU B 108 -7.22 5.95 16.23
CA GLU B 108 -6.38 5.13 17.10
C GLU B 108 -5.25 4.49 16.31
N SER B 109 -4.08 4.36 16.95
CA SER B 109 -2.97 3.59 16.33
C SER B 109 -2.83 2.25 17.06
N PHE B 110 -2.52 1.21 16.27
CA PHE B 110 -2.62 -0.19 16.73
C PHE B 110 -1.28 -0.92 16.73
N GLY B 111 -0.31 -0.38 16.01
CA GLY B 111 0.89 -1.17 15.71
C GLY B 111 1.88 -0.38 14.88
N THR B 112 2.91 -1.10 14.45
CA THR B 112 4.03 -0.52 13.76
C THR B 112 4.48 -1.49 12.68
N LEU B 113 4.67 -0.98 11.45
CA LEU B 113 5.19 -1.73 10.32
C LEU B 113 6.61 -1.25 10.10
N TYR B 114 7.58 -2.17 10.09
CA TYR B 114 8.97 -1.73 10.01
C TYR B 114 9.86 -2.64 9.22
N LEU B 115 10.89 -2.03 8.62
CA LEU B 115 11.77 -2.72 7.70
C LEU B 115 13.19 -2.42 8.09
N THR B 116 14.10 -3.36 7.84
CA THR B 116 15.53 -3.03 8.03
C THR B 116 16.38 -3.58 6.90
N ASP B 117 17.58 -2.99 6.76
CA ASP B 117 18.58 -3.49 5.83
C ASP B 117 18.12 -3.55 4.39
N LYS B 118 17.75 -2.38 3.88
CA LYS B 118 17.51 -2.22 2.46
C LYS B 118 18.74 -2.79 1.68
N THR B 119 18.47 -3.39 0.55
CA THR B 119 19.55 -4.03 -0.20
CA THR B 119 19.49 -3.99 -0.30
C THR B 119 20.72 -3.09 -0.53
N ASN B 120 21.90 -3.70 -0.65
CA ASN B 120 23.13 -2.94 -1.03
C ASN B 120 23.50 -1.82 -0.05
N GLY B 121 23.14 -1.98 1.23
CA GLY B 121 23.57 -1.08 2.29
C GLY B 121 22.96 0.30 2.22
N GLN B 122 21.96 0.47 1.35
CA GLN B 122 21.44 1.80 1.13
C GLN B 122 20.44 2.25 2.21
N PRO B 123 20.33 3.57 2.48
CA PRO B 123 19.33 4.05 3.44
C PRO B 123 17.93 4.00 2.81
N PHE B 124 16.91 3.82 3.64
CA PHE B 124 15.54 3.98 3.15
C PHE B 124 15.30 5.42 2.71
N SER B 125 14.52 5.55 1.63
CA SER B 125 14.28 6.86 1.00
C SER B 125 12.93 7.45 1.40
N ASP B 126 12.71 8.72 1.04
CA ASP B 126 11.38 9.30 1.20
C ASP B 126 10.31 8.50 0.43
N ASP B 127 10.61 8.04 -0.78
CA ASP B 127 9.67 7.22 -1.58
C ASP B 127 9.35 5.93 -0.80
N ASP B 128 10.35 5.31 -0.20
CA ASP B 128 10.08 4.10 0.58
C ASP B 128 9.14 4.40 1.73
N GLU B 129 9.39 5.52 2.41
CA GLU B 129 8.57 5.90 3.54
C GLU B 129 7.12 6.11 3.13
N VAL B 130 6.92 6.88 2.07
CA VAL B 130 5.56 7.12 1.57
C VAL B 130 4.85 5.77 1.20
N LEU B 131 5.56 4.86 0.53
CA LEU B 131 4.98 3.56 0.14
C LEU B 131 4.58 2.75 1.37
N VAL B 132 5.48 2.70 2.36
CA VAL B 132 5.21 1.89 3.55
C VAL B 132 4.05 2.50 4.34
N GLN B 133 3.93 3.83 4.36
CA GLN B 133 2.77 4.47 4.99
C GLN B 133 1.47 4.06 4.28
N ALA B 134 1.47 3.97 2.96
CA ALA B 134 0.24 3.65 2.23
C ALA B 134 -0.16 2.19 2.56
N LEU B 135 0.83 1.31 2.58
CA LEU B 135 0.56 -0.09 2.93
C LEU B 135 0.08 -0.21 4.39
N ALA B 136 0.74 0.52 5.28
CA ALA B 136 0.35 0.48 6.71
C ALA B 136 -1.11 0.92 6.90
N ALA B 137 -1.54 1.90 6.09
CA ALA B 137 -2.86 2.45 6.23
C ALA B 137 -3.92 1.38 5.90
N ALA B 138 -3.63 0.55 4.91
CA ALA B 138 -4.54 -0.53 4.58
C ALA B 138 -4.59 -1.53 5.75
N ALA B 139 -3.42 -1.88 6.32
CA ALA B 139 -3.41 -2.75 7.49
C ALA B 139 -4.17 -2.12 8.67
N GLY B 140 -4.08 -0.80 8.79
CA GLY B 140 -4.80 -0.06 9.88
C GLY B 140 -6.31 -0.26 9.79
N ILE B 141 -6.85 -0.15 8.59
CA ILE B 141 -8.28 -0.43 8.40
C ILE B 141 -8.62 -1.90 8.73
N ALA B 142 -7.78 -2.85 8.32
CA ALA B 142 -8.04 -4.26 8.62
C ALA B 142 -8.02 -4.49 10.14
N VAL B 143 -7.07 -3.87 10.85
CA VAL B 143 -7.02 -4.06 12.30
C VAL B 143 -8.26 -3.44 12.95
N ALA B 144 -8.65 -2.24 12.51
CA ALA B 144 -9.80 -1.56 13.10
C ALA B 144 -11.04 -2.41 12.94
N ASN B 145 -11.20 -3.05 11.79
CA ASN B 145 -12.37 -3.90 11.53
C ASN B 145 -12.33 -5.16 12.39
N ALA B 146 -11.15 -5.77 12.52
CA ALA B 146 -10.97 -6.96 13.38
C ALA B 146 -11.38 -6.69 14.83
N ARG B 147 -11.11 -5.49 15.33
CA ARG B 147 -11.52 -5.10 16.68
C ARG B 147 -13.03 -4.90 16.83
N LEU B 148 -13.72 -4.60 15.74
CA LEU B 148 -15.18 -4.61 15.79
C LEU B 148 -15.68 -6.05 15.85
N TYR B 149 -15.20 -6.88 14.92
CA TYR B 149 -15.57 -8.30 14.85
C TYR B 149 -15.26 -9.04 16.15
N GLN B 150 -14.14 -8.68 16.78
CA GLN B 150 -13.73 -9.23 18.07
C GLN B 150 -14.03 -8.24 19.20
CHA HEM C . -11.95 7.85 -20.14
CHB HEM C . -7.84 7.58 -17.66
CHC HEM C . -9.18 11.35 -14.94
CHD HEM C . -13.53 11.26 -17.03
C1A HEM C . -10.69 7.49 -19.77
C2A HEM C . -9.84 6.54 -20.47
C3A HEM C . -8.68 6.49 -19.77
C4A HEM C . -8.79 7.37 -18.62
CMA HEM C . -7.43 5.62 -20.05
CAA HEM C . -10.20 5.82 -21.82
CBA HEM C . -10.81 4.46 -21.66
CGA HEM C . -11.13 3.95 -23.07
O1A HEM C . -10.96 4.68 -24.08
O2A HEM C . -11.58 2.79 -23.13
C1B HEM C . -7.86 8.57 -16.70
C2B HEM C . -6.82 8.75 -15.72
C3B HEM C . -7.18 9.82 -14.97
C4B HEM C . -8.47 10.30 -15.45
CMB HEM C . -5.51 7.94 -15.53
CAB HEM C . -6.38 10.39 -13.80
CBB HEM C . -6.26 11.69 -13.60
C1C HEM C . -10.47 11.65 -15.28
C2C HEM C . -11.28 12.67 -14.63
C3C HEM C . -12.48 12.63 -15.24
C4C HEM C . -12.48 11.59 -16.24
CMC HEM C . -10.81 13.58 -13.49
CAC HEM C . -13.75 13.43 -15.00
CBC HEM C . -13.66 14.56 -14.29
C1D HEM C . -13.49 10.29 -18.00
C2D HEM C . -14.65 9.92 -18.77
C3D HEM C . -14.20 8.85 -19.72
C4D HEM C . -12.79 8.68 -19.46
CMD HEM C . -16.07 10.49 -18.64
CAD HEM C . -15.11 8.14 -20.74
CBD HEM C . -15.30 6.67 -20.38
CGD HEM C . -16.11 6.44 -19.10
O1D HEM C . -17.12 7.14 -18.86
O2D HEM C . -15.68 5.59 -18.32
NA HEM C . -10.02 7.98 -18.70
NB HEM C . -8.83 9.50 -16.48
NC HEM C . -11.24 11.02 -16.24
ND HEM C . -12.43 9.53 -18.42
FE HEM C . -10.59 9.57 -17.51
CA CA D . 8.25 -9.09 -19.38
CHA HEM E . 14.67 -5.63 18.82
CHB HEM E . 13.87 -5.45 14.07
CHC HEM E . 12.62 -10.14 14.07
CHD HEM E . 12.99 -10.24 18.88
C1A HEM E . 14.56 -5.17 17.53
C2A HEM E . 14.80 -3.80 17.08
C3A HEM E . 14.59 -3.79 15.76
C4A HEM E . 14.23 -5.12 15.35
CMA HEM E . 14.71 -2.56 14.81
CAA HEM E . 15.18 -2.56 17.92
CBA HEM E . 16.49 -2.63 18.64
CGA HEM E . 16.77 -1.26 19.22
O1A HEM E . 17.96 -0.98 19.18
O2A HEM E . 15.89 -0.45 19.69
C1B HEM E . 13.40 -6.67 13.65
C2B HEM E . 12.97 -7.02 12.32
C3B HEM E . 12.65 -8.31 12.30
C4B HEM E . 12.86 -8.84 13.65
CMB HEM E . 12.91 -6.04 11.14
CAB HEM E . 12.13 -9.13 11.09
CBB HEM E . 12.64 -10.31 10.72
C1C HEM E . 12.59 -10.58 15.37
C2C HEM E . 12.17 -11.91 15.81
C3C HEM E . 12.28 -11.92 17.15
C4C HEM E . 12.76 -10.64 17.59
CMC HEM E . 11.70 -13.02 14.85
CAC HEM E . 11.95 -13.07 18.12
CBC HEM E . 11.03 -13.97 17.76
C1D HEM E . 13.44 -9.01 19.31
C2D HEM E . 13.61 -8.59 20.67
C3D HEM E . 14.13 -7.18 20.66
C4D HEM E . 14.26 -6.85 19.25
CMD HEM E . 13.33 -9.49 21.89
CAD HEM E . 14.46 -6.36 21.91
CBD HEM E . 13.44 -5.22 22.11
CGD HEM E . 12.01 -5.66 22.31
O1D HEM E . 11.12 -5.13 21.58
O2D HEM E . 11.76 -6.56 23.16
NA HEM E . 14.21 -5.98 16.46
NB HEM E . 13.32 -7.81 14.43
NC HEM E . 12.97 -9.84 16.48
ND HEM E . 13.81 -7.94 18.51
FE HEM E . 13.66 -7.91 16.44
#